data_8CM3
#
_entry.id   8CM3
#
_cell.length_a   1.000
_cell.length_b   1.000
_cell.length_c   1.000
_cell.angle_alpha   90.00
_cell.angle_beta   90.00
_cell.angle_gamma   90.00
#
_symmetry.space_group_name_H-M   'P 1'
#
_entity_poly.entity_id   1
_entity_poly.type   'polypeptide(L)'
_entity_poly.pdbx_seq_one_letter_code
;A(HYP)QCCRSAKYCQV(HYP)SCKRN(HYP)CCN
;
_entity_poly.pdbx_strand_id   A
#
# COMPACT_ATOMS: atom_id res chain seq x y z
N ALA A 1 10.62 8.30 1.51
CA ALA A 1 9.20 8.25 1.79
C ALA A 1 8.78 6.86 2.29
N HYP A 2 7.59 6.79 2.91
CA HYP A 2 7.07 5.53 3.45
C HYP A 2 6.53 4.62 2.35
O HYP A 2 5.69 5.03 1.55
CB HYP A 2 5.92 6.00 4.36
CG HYP A 2 5.49 7.30 3.80
CD HYP A 2 6.68 7.92 3.14
OD1 HYP A 2 4.97 8.16 4.82
HA HYP A 2 7.81 5.00 4.03
HB2 HYP A 2 5.13 5.27 4.34
HB3 HYP A 2 6.30 6.11 5.37
HG HYP A 2 4.72 7.12 3.05
HD22 HYP A 2 6.40 8.39 2.21
HD23 HYP A 2 7.14 8.65 3.80
HD1 HYP A 2 5.64 8.28 5.50
N GLN A 3 7.02 3.38 2.33
CA GLN A 3 6.59 2.41 1.33
C GLN A 3 5.11 2.08 1.50
N CYS A 4 4.61 1.17 0.66
CA CYS A 4 3.21 0.76 0.72
C CYS A 4 3.03 -0.39 1.71
N CYS A 5 4.10 -1.14 1.94
CA CYS A 5 4.06 -2.27 2.86
C CYS A 5 4.49 -1.85 4.26
N ARG A 6 4.33 -0.56 4.56
CA ARG A 6 4.71 -0.02 5.86
C ARG A 6 3.56 -0.18 6.86
N SER A 7 2.34 -0.02 6.36
CA SER A 7 1.16 -0.14 7.22
C SER A 7 -0.09 -0.36 6.38
N ALA A 8 -1.14 -0.89 7.01
CA ALA A 8 -2.40 -1.15 6.32
C ALA A 8 -3.00 0.14 5.76
N LYS A 9 -2.86 1.22 6.51
CA LYS A 9 -3.38 2.51 6.09
C LYS A 9 -2.94 2.85 4.66
N TYR A 10 -1.70 2.52 4.34
CA TYR A 10 -1.16 2.79 3.02
C TYR A 10 -1.80 1.88 1.98
N CYS A 11 -2.14 0.66 2.39
CA CYS A 11 -2.75 -0.30 1.49
C CYS A 11 -4.12 0.19 1.02
N GLN A 12 -4.70 1.11 1.78
CA GLN A 12 -6.01 1.67 1.44
C GLN A 12 -5.86 2.86 0.49
N VAL A 13 -4.71 2.94 -0.17
CA VAL A 13 -4.46 4.02 -1.12
C VAL A 13 -4.57 3.53 -2.56
N HYP A 14 -5.32 4.28 -3.38
CA HYP A 14 -5.53 3.95 -4.79
C HYP A 14 -4.22 3.73 -5.53
O HYP A 14 -4.20 3.18 -6.63
CB HYP A 14 -6.26 5.18 -5.33
CG HYP A 14 -6.91 5.80 -4.15
CD HYP A 14 -6.04 5.51 -2.98
OD1 HYP A 14 -8.21 5.22 -3.91
HA HYP A 14 -6.16 3.08 -4.90
HB2 HYP A 14 -5.55 5.86 -5.79
HB3 HYP A 14 -6.99 4.87 -6.07
HG HYP A 14 -7.01 6.86 -4.30
HD22 HYP A 14 -5.34 6.31 -2.78
HD23 HYP A 14 -6.67 5.33 -2.13
HD1 HYP A 14 -8.83 5.91 -3.68
N SER A 15 -3.12 4.18 -4.92
CA SER A 15 -1.80 4.03 -5.54
C SER A 15 -1.12 2.76 -5.06
N CYS A 16 -1.43 2.34 -3.83
CA CYS A 16 -0.86 1.14 -3.26
C CYS A 16 -1.86 -0.02 -3.30
N LYS A 17 -3.06 0.27 -3.80
CA LYS A 17 -4.10 -0.75 -3.88
C LYS A 17 -3.77 -1.79 -4.93
N ARG A 18 -3.12 -1.35 -6.00
CA ARG A 18 -2.72 -2.25 -7.09
C ARG A 18 -1.35 -2.86 -6.83
N ASN A 19 -0.94 -2.84 -5.57
CA ASN A 19 0.36 -3.40 -5.19
C ASN A 19 0.23 -4.85 -4.74
N HYP A 20 0.94 -5.75 -5.43
CA HYP A 20 0.92 -7.18 -5.12
C HYP A 20 1.17 -7.46 -3.64
O HYP A 20 0.77 -8.50 -3.11
CB HYP A 20 2.06 -7.74 -5.97
CG HYP A 20 2.21 -6.78 -7.10
CD HYP A 20 1.82 -5.43 -6.57
OD1 HYP A 20 1.36 -7.15 -8.19
HA HYP A 20 -0.01 -7.64 -5.42
HB2 HYP A 20 2.97 -7.79 -5.37
HB3 HYP A 20 1.81 -8.73 -6.32
HG HYP A 20 3.24 -6.75 -7.42
HD22 HYP A 20 2.70 -4.90 -6.25
HD23 HYP A 20 1.30 -4.87 -7.32
HD1 HYP A 20 1.45 -6.50 -8.90
N CYS A 21 1.83 -6.52 -2.97
CA CYS A 21 2.13 -6.66 -1.55
C CYS A 21 0.89 -6.37 -0.70
N CYS A 22 0.05 -5.48 -1.19
CA CYS A 22 -1.17 -5.11 -0.48
C CYS A 22 -2.36 -5.95 -0.95
N ASN A 23 -2.22 -6.54 -2.14
CA ASN A 23 -3.27 -7.36 -2.71
C ASN A 23 -3.17 -8.80 -2.19
N ALA A 1 9.84 8.82 -0.25
CA ALA A 1 9.26 7.64 -0.89
C ALA A 1 8.75 6.64 0.14
N HYP A 2 7.62 6.97 0.77
CA HYP A 2 7.00 6.11 1.80
C HYP A 2 6.58 4.76 1.24
O HYP A 2 5.83 4.68 0.26
CB HYP A 2 5.78 6.91 2.24
CG HYP A 2 6.06 8.31 1.82
CD HYP A 2 6.84 8.20 0.54
OD1 HYP A 2 6.86 8.99 2.81
HA HYP A 2 7.67 5.95 2.63
HB2 HYP A 2 4.89 6.52 1.76
HB3 HYP A 2 5.67 6.84 3.32
HG HYP A 2 5.13 8.84 1.67
HD22 HYP A 2 6.19 8.10 -0.30
HD23 HYP A 2 7.50 9.05 0.42
HD1 HYP A 2 7.74 8.61 2.82
N GLN A 3 7.06 3.69 1.86
CA GLN A 3 6.73 2.33 1.42
C GLN A 3 5.24 2.06 1.59
N CYS A 4 4.69 1.23 0.72
CA CYS A 4 3.27 0.87 0.77
C CYS A 4 3.05 -0.29 1.72
N CYS A 5 4.09 -1.09 1.94
CA CYS A 5 3.99 -2.25 2.82
C CYS A 5 4.43 -1.88 4.23
N ARG A 6 4.33 -0.60 4.57
CA ARG A 6 4.71 -0.11 5.88
C ARG A 6 3.56 -0.26 6.88
N SER A 7 2.34 -0.08 6.39
CA SER A 7 1.15 -0.18 7.23
C SER A 7 -0.10 -0.37 6.39
N ALA A 8 -1.16 -0.89 7.02
CA ALA A 8 -2.42 -1.12 6.31
C ALA A 8 -2.99 0.19 5.77
N LYS A 9 -2.79 1.27 6.51
CA LYS A 9 -3.29 2.58 6.09
C LYS A 9 -2.89 2.89 4.66
N TYR A 10 -1.66 2.55 4.30
CA TYR A 10 -1.15 2.78 2.96
C TYR A 10 -1.84 1.86 1.95
N CYS A 11 -2.15 0.65 2.38
CA CYS A 11 -2.80 -0.33 1.52
C CYS A 11 -4.17 0.17 1.06
N GLN A 12 -4.72 1.12 1.82
CA GLN A 12 -6.03 1.69 1.50
C GLN A 12 -5.89 2.86 0.53
N VAL A 13 -4.76 2.90 -0.17
CA VAL A 13 -4.51 3.97 -1.14
C VAL A 13 -4.60 3.44 -2.56
N HYP A 14 -5.39 4.14 -3.40
CA HYP A 14 -5.58 3.76 -4.80
C HYP A 14 -4.26 3.62 -5.55
O HYP A 14 -4.20 3.06 -6.65
CB HYP A 14 -6.38 4.93 -5.37
CG HYP A 14 -7.07 5.54 -4.20
CD HYP A 14 -6.15 5.35 -3.03
OD1 HYP A 14 -8.31 4.89 -3.93
HA HYP A 14 -6.14 2.86 -4.90
HB2 HYP A 14 -5.72 5.64 -5.85
HB3 HYP A 14 -7.10 4.57 -6.09
HG HYP A 14 -7.22 6.59 -4.37
HD22 HYP A 14 -5.49 6.18 -2.86
HD23 HYP A 14 -6.76 5.16 -2.16
HD1 HYP A 14 -9.00 5.56 -3.79
N SER A 15 -3.18 4.13 -4.95
CA SER A 15 -1.86 4.06 -5.56
C SER A 15 -1.09 2.83 -5.07
N CYS A 16 -1.41 2.40 -3.85
CA CYS A 16 -0.76 1.23 -3.27
C CYS A 16 -1.67 0.01 -3.32
N LYS A 17 -2.91 0.23 -3.74
CA LYS A 17 -3.89 -0.85 -3.85
C LYS A 17 -3.43 -1.91 -4.86
N ARG A 18 -3.12 -1.46 -6.07
CA ARG A 18 -2.67 -2.36 -7.12
C ARG A 18 -1.42 -3.13 -6.69
N ASN A 19 -0.72 -2.58 -5.70
CA ASN A 19 0.50 -3.21 -5.19
C ASN A 19 0.21 -4.64 -4.74
N HYP A 20 0.81 -5.62 -5.43
CA HYP A 20 0.63 -7.04 -5.13
C HYP A 20 0.90 -7.34 -3.66
O HYP A 20 0.41 -8.34 -3.11
CB HYP A 20 1.68 -7.73 -6.01
CG HYP A 20 1.89 -6.78 -7.15
CD HYP A 20 1.69 -5.41 -6.60
OD1 HYP A 20 0.96 -7.02 -8.20
HA HYP A 20 -0.36 -7.39 -5.39
HB2 HYP A 20 2.58 -7.89 -5.45
HB3 HYP A 20 1.28 -8.68 -6.36
HG HYP A 20 2.90 -6.89 -7.51
HD22 HYP A 20 2.64 -4.99 -6.29
HD23 HYP A 20 1.22 -4.77 -7.33
HD1 HYP A 20 1.38 -7.49 -8.91
N CYS A 21 1.70 -6.49 -3.02
CA CYS A 21 2.04 -6.67 -1.61
C CYS A 21 0.82 -6.42 -0.72
N CYS A 22 -0.06 -5.53 -1.18
CA CYS A 22 -1.26 -5.20 -0.42
C CYS A 22 -2.44 -6.06 -0.87
N ASN A 23 -2.32 -6.64 -2.05
CA ASN A 23 -3.38 -7.49 -2.60
C ASN A 23 -3.27 -8.91 -2.04
N ALA A 1 10.84 7.36 0.86
CA ALA A 1 9.59 7.66 1.54
C ALA A 1 8.89 6.39 2.00
N HYP A 2 7.94 6.53 2.93
CA HYP A 2 7.19 5.39 3.47
C HYP A 2 6.63 4.49 2.38
O HYP A 2 5.79 4.91 1.58
CB HYP A 2 6.04 6.07 4.25
CG HYP A 2 6.57 7.41 4.61
CD HYP A 2 7.53 7.81 3.54
OD1 HYP A 2 7.28 7.37 5.86
HA HYP A 2 7.78 4.81 4.15
HB2 HYP A 2 5.17 6.14 3.61
HB3 HYP A 2 5.81 5.49 5.13
HG HYP A 2 5.76 8.12 4.66
HD22 HYP A 2 7.03 8.43 2.81
HD23 HYP A 2 8.39 8.33 3.95
HD1 HYP A 2 7.87 6.62 5.87
N GLN A 3 7.10 3.25 2.34
CA GLN A 3 6.64 2.29 1.35
C GLN A 3 5.17 1.97 1.54
N CYS A 4 4.62 1.15 0.63
CA CYS A 4 3.22 0.76 0.71
C CYS A 4 3.02 -0.38 1.70
N CYS A 5 4.08 -1.14 1.94
CA CYS A 5 4.02 -2.26 2.87
C CYS A 5 4.45 -1.83 4.27
N ARG A 6 4.32 -0.55 4.55
CA ARG A 6 4.70 0.01 5.85
C ARG A 6 3.56 -0.14 6.85
N SER A 7 2.33 0.02 6.36
CA SER A 7 1.16 -0.08 7.21
C SER A 7 -0.10 -0.32 6.37
N ALA A 8 -1.12 -0.91 7.00
CA ALA A 8 -2.37 -1.18 6.32
C ALA A 8 -2.99 0.10 5.76
N LYS A 9 -2.86 1.19 6.51
CA LYS A 9 -3.41 2.47 6.10
C LYS A 9 -2.96 2.82 4.68
N TYR A 10 -1.71 2.51 4.36
CA TYR A 10 -1.15 2.79 3.04
C TYR A 10 -1.78 1.88 1.99
N CYS A 11 -2.12 0.67 2.39
CA CYS A 11 -2.73 -0.30 1.48
C CYS A 11 -4.10 0.18 1.00
N GLN A 12 -4.69 1.09 1.77
CA GLN A 12 -6.00 1.64 1.42
C GLN A 12 -5.86 2.84 0.48
N VAL A 13 -4.71 2.93 -0.19
CA VAL A 13 -4.46 4.01 -1.11
C VAL A 13 -4.58 3.54 -2.56
N HYP A 14 -5.31 4.32 -3.38
CA HYP A 14 -5.52 3.99 -4.78
C HYP A 14 -4.21 3.78 -5.53
O HYP A 14 -4.20 3.26 -6.65
CB HYP A 14 -6.25 5.23 -5.33
CG HYP A 14 -6.05 6.27 -4.27
CD HYP A 14 -5.99 5.56 -2.98
OD1 HYP A 14 -7.16 7.18 -4.24
HA HYP A 14 -6.15 3.13 -4.91
HB2 HYP A 14 -5.81 5.53 -6.26
HB3 HYP A 14 -7.29 5.00 -5.47
HG HYP A 14 -5.14 6.82 -4.47
HD22 HYP A 14 -5.37 6.14 -2.32
HD23 HYP A 14 -6.94 5.35 -2.51
HD1 HYP A 14 -7.11 7.78 -4.99
N SER A 15 -3.11 4.19 -4.91
CA SER A 15 -1.79 4.05 -5.53
C SER A 15 -1.12 2.76 -5.05
N CYS A 16 -1.43 2.34 -3.83
CA CYS A 16 -0.86 1.14 -3.26
C CYS A 16 -1.87 -0.02 -3.29
N LYS A 17 -3.06 0.27 -3.80
CA LYS A 17 -4.11 -0.74 -3.88
C LYS A 17 -3.77 -1.78 -4.94
N ARG A 18 -3.12 -1.35 -6.00
CA ARG A 18 -2.73 -2.25 -7.08
C ARG A 18 -1.36 -2.85 -6.82
N ASN A 19 -0.94 -2.86 -5.57
CA ASN A 19 0.36 -3.40 -5.18
C ASN A 19 0.22 -4.86 -4.73
N HYP A 20 0.94 -5.75 -5.43
CA HYP A 20 0.92 -7.19 -5.12
C HYP A 20 1.15 -7.47 -3.64
O HYP A 20 0.75 -8.51 -3.12
CB HYP A 20 2.07 -7.75 -5.96
CG HYP A 20 2.22 -6.79 -7.08
CD HYP A 20 1.82 -5.44 -6.56
OD1 HYP A 20 1.38 -7.14 -8.18
HA HYP A 20 -0.01 -7.65 -5.42
HB2 HYP A 20 2.96 -7.80 -5.36
HB3 HYP A 20 1.81 -8.73 -6.32
HG HYP A 20 3.25 -6.76 -7.40
HD22 HYP A 20 2.70 -4.91 -6.23
HD23 HYP A 20 1.30 -4.87 -7.31
HD1 HYP A 20 0.46 -7.06 -7.92
N CYS A 21 1.82 -6.54 -2.96
CA CYS A 21 2.11 -6.68 -1.54
C CYS A 21 0.88 -6.38 -0.70
N CYS A 22 0.03 -5.48 -1.19
CA CYS A 22 -1.18 -5.10 -0.48
C CYS A 22 -2.36 -5.94 -0.95
N ASN A 23 -2.23 -6.53 -2.14
CA ASN A 23 -3.29 -7.35 -2.71
C ASN A 23 -3.21 -8.78 -2.18
N ALA A 1 11.49 6.48 0.60
CA ALA A 1 10.23 7.08 1.04
C ALA A 1 9.30 6.04 1.65
N HYP A 2 8.31 6.51 2.40
CA HYP A 2 7.33 5.62 3.06
C HYP A 2 6.75 4.60 2.10
O HYP A 2 5.86 4.90 1.30
CB HYP A 2 6.23 6.60 3.52
CG HYP A 2 6.93 7.91 3.68
CD HYP A 2 8.04 7.93 2.68
OD1 HYP A 2 7.47 8.05 4.99
HA HYP A 2 7.75 5.14 3.91
HB2 HYP A 2 5.45 6.65 2.77
HB3 HYP A 2 5.81 6.26 4.45
HG HYP A 2 6.23 8.71 3.47
HD22 HYP A 2 7.73 8.44 1.79
HD23 HYP A 2 8.92 8.41 3.11
HD1 HYP A 2 7.18 8.88 5.38
N GLN A 3 7.25 3.36 2.19
CA GLN A 3 6.79 2.28 1.33
C GLN A 3 5.29 2.05 1.52
N CYS A 4 4.72 1.19 0.68
CA CYS A 4 3.30 0.89 0.74
C CYS A 4 3.05 -0.26 1.71
N CYS A 5 4.06 -1.10 1.92
CA CYS A 5 3.94 -2.24 2.83
C CYS A 5 4.40 -1.86 4.24
N ARG A 6 4.33 -0.57 4.55
CA ARG A 6 4.73 -0.09 5.86
C ARG A 6 3.59 -0.20 6.87
N SER A 7 2.36 -0.03 6.38
CA SER A 7 1.18 -0.12 7.23
C SER A 7 -0.07 -0.35 6.40
N ALA A 8 -1.11 -0.86 7.05
CA ALA A 8 -2.38 -1.13 6.36
C ALA A 8 -2.99 0.16 5.81
N LYS A 9 -2.81 1.25 6.53
CA LYS A 9 -3.34 2.55 6.12
C LYS A 9 -2.93 2.86 4.68
N TYR A 10 -1.69 2.52 4.34
CA TYR A 10 -1.18 2.77 2.99
C TYR A 10 -1.85 1.85 1.98
N CYS A 11 -2.17 0.63 2.41
CA CYS A 11 -2.82 -0.34 1.54
C CYS A 11 -4.18 0.16 1.07
N GLN A 12 -4.75 1.11 1.83
CA GLN A 12 -6.05 1.67 1.49
C GLN A 12 -5.90 2.84 0.52
N VAL A 13 -4.76 2.89 -0.16
CA VAL A 13 -4.49 3.96 -1.12
C VAL A 13 -4.57 3.44 -2.56
N HYP A 14 -5.39 4.09 -3.38
CA HYP A 14 -5.56 3.72 -4.79
C HYP A 14 -4.24 3.58 -5.52
O HYP A 14 -4.17 2.98 -6.60
CB HYP A 14 -6.38 4.88 -5.37
CG HYP A 14 -7.09 5.46 -4.20
CD HYP A 14 -6.21 5.26 -3.02
OD1 HYP A 14 -8.35 4.79 -3.98
HA HYP A 14 -6.13 2.80 -4.89
HB2 HYP A 14 -5.72 5.60 -5.82
HB3 HYP A 14 -7.07 4.51 -6.11
HG HYP A 14 -7.26 6.52 -4.37
HD22 HYP A 14 -5.59 6.14 -2.87
HD23 HYP A 14 -6.78 5.06 -2.12
HD1 HYP A 14 -9.04 5.25 -4.46
N SER A 15 -3.19 4.15 -4.94
CA SER A 15 -1.86 4.10 -5.55
C SER A 15 -1.09 2.86 -5.07
N CYS A 16 -1.40 2.41 -3.86
CA CYS A 16 -0.75 1.25 -3.27
C CYS A 16 -1.65 0.03 -3.35
N LYS A 17 -2.90 0.24 -3.78
CA LYS A 17 -3.87 -0.85 -3.90
C LYS A 17 -3.39 -1.89 -4.91
N ARG A 18 -3.07 -1.43 -6.11
CA ARG A 18 -2.60 -2.32 -7.17
C ARG A 18 -1.37 -3.10 -6.71
N ASN A 19 -0.67 -2.58 -5.71
CA ASN A 19 0.52 -3.23 -5.19
C ASN A 19 0.21 -4.65 -4.72
N HYP A 20 0.77 -5.64 -5.43
CA HYP A 20 0.57 -7.05 -5.11
C HYP A 20 0.84 -7.37 -3.65
O HYP A 20 0.33 -8.35 -3.10
CB HYP A 20 1.59 -7.77 -6.00
CG HYP A 20 1.82 -6.83 -7.14
CD HYP A 20 1.65 -5.45 -6.60
OD1 HYP A 20 0.87 -7.06 -8.19
HA HYP A 20 -0.43 -7.38 -5.37
HB2 HYP A 20 2.50 -7.94 -5.45
HB3 HYP A 20 1.18 -8.71 -6.34
HG HYP A 20 2.82 -6.97 -7.52
HD22 HYP A 20 2.61 -5.04 -6.31
HD23 HYP A 20 1.18 -4.82 -7.34
HD1 HYP A 20 1.23 -7.66 -8.84
N CYS A 21 1.65 -6.53 -3.01
CA CYS A 21 1.98 -6.70 -1.60
C CYS A 21 0.77 -6.43 -0.71
N CYS A 22 -0.10 -5.54 -1.16
CA CYS A 22 -1.31 -5.20 -0.41
C CYS A 22 -2.49 -6.04 -0.86
N ASN A 23 -2.38 -6.63 -2.04
CA ASN A 23 -3.44 -7.47 -2.58
C ASN A 23 -3.35 -8.89 -2.03
N ALA A 1 9.93 8.52 0.59
CA ALA A 1 8.65 8.61 1.27
C ALA A 1 8.19 7.24 1.76
N HYP A 2 7.23 7.24 2.70
CA HYP A 2 6.69 6.00 3.27
C HYP A 2 6.29 4.98 2.21
O HYP A 2 5.65 5.33 1.22
CB HYP A 2 5.45 6.48 4.04
CG HYP A 2 5.74 7.90 4.37
CD HYP A 2 6.60 8.44 3.27
OD1 HYP A 2 6.45 8.01 5.60
HA HYP A 2 7.38 5.54 3.97
HB2 HYP A 2 4.58 6.39 3.41
HB3 HYP A 2 5.32 5.89 4.93
HG HYP A 2 4.81 8.44 4.43
HD22 HYP A 2 5.99 8.94 2.53
HD23 HYP A 2 7.35 9.11 3.66
HD1 HYP A 2 6.70 8.93 5.75
N GLN A 3 6.70 3.74 2.41
CA GLN A 3 6.38 2.67 1.46
C GLN A 3 4.93 2.25 1.58
N CYS A 4 4.51 1.31 0.73
CA CYS A 4 3.15 0.82 0.73
C CYS A 4 2.99 -0.36 1.69
N CYS A 5 4.10 -1.06 1.94
CA CYS A 5 4.09 -2.21 2.83
C CYS A 5 4.48 -1.80 4.25
N ARG A 6 4.26 -0.53 4.58
CA ARG A 6 4.58 -0.01 5.90
C ARG A 6 3.44 -0.27 6.87
N SER A 7 2.21 -0.13 6.40
CA SER A 7 1.04 -0.33 7.23
C SER A 7 -0.24 -0.41 6.38
N ALA A 8 -1.25 -1.07 6.90
CA ALA A 8 -2.52 -1.21 6.19
C ALA A 8 -3.02 0.15 5.70
N LYS A 9 -2.72 1.19 6.47
CA LYS A 9 -3.15 2.54 6.11
C LYS A 9 -2.75 2.88 4.68
N TYR A 10 -1.53 2.53 4.31
CA TYR A 10 -1.04 2.78 2.96
C TYR A 10 -1.73 1.89 1.94
N CYS A 11 -2.09 0.68 2.37
CA CYS A 11 -2.76 -0.28 1.50
C CYS A 11 -4.12 0.25 1.07
N GLN A 12 -4.66 1.20 1.83
CA GLN A 12 -5.95 1.78 1.52
C GLN A 12 -5.81 2.95 0.54
N VAL A 13 -4.68 2.98 -0.16
CA VAL A 13 -4.42 4.05 -1.13
C VAL A 13 -4.57 3.54 -2.55
N HYP A 14 -5.31 4.30 -3.37
CA HYP A 14 -5.55 3.94 -4.78
C HYP A 14 -4.26 3.72 -5.55
O HYP A 14 -4.26 3.17 -6.65
CB HYP A 14 -6.29 5.17 -5.33
CG HYP A 14 -6.06 6.24 -4.32
CD HYP A 14 -5.98 5.56 -3.00
OD1 HYP A 14 -7.16 7.17 -4.29
HA HYP A 14 -6.18 3.08 -4.87
HB2 HYP A 14 -5.87 5.45 -6.29
HB3 HYP A 14 -7.35 4.94 -5.44
HG HYP A 14 -5.15 6.76 -4.54
HD22 HYP A 14 -5.34 6.16 -2.37
HD23 HYP A 14 -6.93 5.37 -2.51
HD1 HYP A 14 -7.14 7.70 -5.09
N SER A 15 -3.14 4.15 -4.95
CA SER A 15 -1.83 3.99 -5.59
C SER A 15 -1.15 2.72 -5.11
N CYS A 16 -1.45 2.32 -3.88
CA CYS A 16 -0.86 1.12 -3.29
C CYS A 16 -1.87 -0.04 -3.30
N LYS A 17 -3.08 0.24 -3.76
CA LYS A 17 -4.12 -0.77 -3.83
C LYS A 17 -3.80 -1.83 -4.88
N ARG A 18 -3.17 -1.41 -5.97
CA ARG A 18 -2.80 -2.32 -7.05
C ARG A 18 -1.40 -2.90 -6.81
N ASN A 19 -0.97 -2.87 -5.56
CA ASN A 19 0.35 -3.40 -5.20
C ASN A 19 0.25 -4.84 -4.74
N HYP A 20 0.98 -5.74 -5.42
CA HYP A 20 0.98 -7.17 -5.10
C HYP A 20 1.24 -7.43 -3.62
O HYP A 20 0.86 -8.46 -3.08
CB HYP A 20 2.13 -7.72 -5.94
CG HYP A 20 2.25 -6.77 -7.09
CD HYP A 20 1.83 -5.42 -6.58
OD1 HYP A 20 1.39 -7.15 -8.18
HA HYP A 20 0.06 -7.65 -5.39
HB2 HYP A 20 3.03 -7.74 -5.35
HB3 HYP A 20 1.89 -8.71 -6.29
HG HYP A 20 3.27 -6.73 -7.43
HD22 HYP A 20 2.71 -4.87 -6.26
HD23 HYP A 20 1.28 -4.88 -7.33
HD1 HYP A 20 1.49 -6.53 -8.90
N CYS A 21 1.89 -6.47 -2.97
CA CYS A 21 2.20 -6.59 -1.54
C CYS A 21 0.96 -6.34 -0.69
N CYS A 22 0.08 -5.46 -1.18
CA CYS A 22 -1.15 -5.14 -0.46
C CYS A 22 -2.30 -6.01 -0.92
N ASN A 23 -2.15 -6.59 -2.12
CA ASN A 23 -3.19 -7.45 -2.68
C ASN A 23 -3.05 -8.88 -2.15
N ALA A 1 11.93 6.48 2.02
CA ALA A 1 10.57 6.93 1.73
C ALA A 1 9.54 5.98 2.32
N HYP A 2 8.30 6.45 2.44
CA HYP A 2 7.19 5.66 2.98
C HYP A 2 6.69 4.61 1.99
O HYP A 2 5.99 4.92 1.04
CB HYP A 2 6.10 6.70 3.24
CG HYP A 2 6.39 7.81 2.29
CD HYP A 2 7.87 7.82 2.06
OD1 HYP A 2 6.03 9.08 2.85
HA HYP A 2 7.47 5.18 3.90
HB2 HYP A 2 5.12 6.26 3.05
HB3 HYP A 2 6.15 7.03 4.26
HG HYP A 2 5.86 7.64 1.37
HD22 HYP A 2 8.08 8.00 1.02
HD23 HYP A 2 8.34 8.56 2.68
HD1 HYP A 2 6.10 9.04 3.80
N GLN A 3 7.07 3.35 2.24
CA GLN A 3 6.66 2.25 1.37
C GLN A 3 5.19 1.92 1.56
N CYS A 4 4.64 1.16 0.63
CA CYS A 4 3.23 0.76 0.70
C CYS A 4 3.03 -0.38 1.70
N CYS A 5 4.09 -1.13 1.94
CA CYS A 5 4.04 -2.26 2.87
C CYS A 5 4.48 -1.83 4.27
N ARG A 6 4.33 -0.53 4.55
CA ARG A 6 4.71 0.01 5.85
C ARG A 6 3.57 -0.14 6.85
N SER A 7 2.34 0.01 6.36
CA SER A 7 1.17 -0.09 7.21
C SER A 7 -0.09 -0.33 6.38
N ALA A 8 -1.11 -0.90 7.02
CA ALA A 8 -2.37 -1.18 6.34
C ALA A 8 -2.99 0.10 5.78
N LYS A 9 -2.86 1.19 6.53
CA LYS A 9 -3.40 2.48 6.10
C LYS A 9 -2.96 2.81 4.69
N TYR A 10 -1.71 2.48 4.37
CA TYR A 10 -1.16 2.75 3.04
C TYR A 10 -1.80 1.86 1.99
N CYS A 11 -2.15 0.64 2.40
CA CYS A 11 -2.78 -0.31 1.49
C CYS A 11 -4.14 0.20 1.01
N GLN A 12 -4.71 1.12 1.78
CA GLN A 12 -6.01 1.68 1.43
C GLN A 12 -5.86 2.87 0.48
N VAL A 13 -4.71 2.94 -0.18
CA VAL A 13 -4.43 4.03 -1.12
C VAL A 13 -4.55 3.54 -2.56
N HYP A 14 -5.31 4.30 -3.38
CA HYP A 14 -5.52 3.97 -4.79
C HYP A 14 -4.20 3.74 -5.53
O HYP A 14 -4.18 3.19 -6.63
CB HYP A 14 -6.23 5.20 -5.34
CG HYP A 14 -6.89 5.82 -4.15
CD HYP A 14 -6.01 5.53 -2.98
OD1 HYP A 14 -8.18 5.26 -3.92
HA HYP A 14 -6.14 3.10 -4.91
HB2 HYP A 14 -5.52 5.88 -5.79
HB3 HYP A 14 -6.96 4.90 -6.07
HG HYP A 14 -6.97 6.88 -4.30
HD22 HYP A 14 -5.31 6.33 -2.78
HD23 HYP A 14 -6.64 5.36 -2.12
HD1 HYP A 14 -8.81 5.60 -4.56
N SER A 15 -3.11 4.18 -4.92
CA SER A 15 -1.78 4.04 -5.53
C SER A 15 -1.11 2.75 -5.06
N CYS A 16 -1.43 2.34 -3.83
CA CYS A 16 -0.86 1.13 -3.27
C CYS A 16 -1.86 -0.02 -3.30
N LYS A 17 -3.06 0.27 -3.80
CA LYS A 17 -4.11 -0.74 -3.90
C LYS A 17 -3.78 -1.79 -4.95
N ARG A 18 -3.11 -1.35 -6.02
CA ARG A 18 -2.73 -2.25 -7.10
C ARG A 18 -1.35 -2.86 -6.83
N ASN A 19 -0.94 -2.86 -5.57
CA ASN A 19 0.35 -3.40 -5.19
C ASN A 19 0.22 -4.85 -4.74
N HYP A 20 0.94 -5.75 -5.43
CA HYP A 20 0.92 -7.18 -5.12
C HYP A 20 1.16 -7.46 -3.64
O HYP A 20 0.75 -8.51 -3.12
CB HYP A 20 2.07 -7.74 -5.96
CG HYP A 20 2.21 -6.79 -7.10
CD HYP A 20 1.82 -5.44 -6.56
OD1 HYP A 20 1.35 -7.16 -8.19
HA HYP A 20 0.00 -7.64 -5.43
HB2 HYP A 20 2.97 -7.78 -5.36
HB3 HYP A 20 1.82 -8.74 -6.30
HG HYP A 20 3.24 -6.77 -7.42
HD22 HYP A 20 2.70 -4.90 -6.23
HD23 HYP A 20 1.30 -4.87 -7.32
HD1 HYP A 20 1.89 -7.48 -8.92
N CYS A 21 1.82 -6.52 -2.96
CA CYS A 21 2.12 -6.67 -1.54
C CYS A 21 0.87 -6.39 -0.70
N CYS A 22 0.02 -5.48 -1.19
CA CYS A 22 -1.20 -5.12 -0.49
C CYS A 22 -2.38 -5.96 -0.97
N ASN A 23 -2.24 -6.54 -2.16
CA ASN A 23 -3.29 -7.37 -2.74
C ASN A 23 -3.19 -8.81 -2.22
N ALA A 1 9.44 9.03 2.15
CA ALA A 1 8.49 8.38 1.25
C ALA A 1 8.22 6.95 1.70
N HYP A 2 7.44 6.81 2.78
CA HYP A 2 7.08 5.49 3.34
C HYP A 2 6.54 4.54 2.28
O HYP A 2 5.68 4.92 1.49
CB HYP A 2 5.99 5.82 4.37
CG HYP A 2 6.26 7.24 4.75
CD HYP A 2 6.85 7.91 3.55
OD1 HYP A 2 7.22 7.32 5.81
HA HYP A 2 7.93 5.04 3.84
HB2 HYP A 2 5.03 5.72 3.92
HB3 HYP A 2 6.09 5.16 5.21
HG HYP A 2 5.34 7.71 5.06
HD22 HYP A 2 6.06 8.40 2.98
HD23 HYP A 2 7.60 8.63 3.85
HD1 HYP A 2 6.90 7.90 6.50
N GLN A 3 7.05 3.31 2.28
CA GLN A 3 6.61 2.31 1.31
C GLN A 3 5.13 1.98 1.50
N CYS A 4 4.61 1.12 0.63
CA CYS A 4 3.21 0.73 0.71
C CYS A 4 3.01 -0.41 1.71
N CYS A 5 4.08 -1.16 1.95
CA CYS A 5 4.03 -2.27 2.90
C CYS A 5 4.46 -1.83 4.28
N ARG A 6 4.34 -0.53 4.56
CA ARG A 6 4.72 0.02 5.85
C ARG A 6 3.58 -0.11 6.86
N SER A 7 2.35 0.03 6.37
CA SER A 7 1.16 -0.07 7.23
C SER A 7 -0.09 -0.30 6.40
N ALA A 8 -1.10 -0.90 7.02
CA ALA A 8 -2.35 -1.19 6.34
C ALA A 8 -2.98 0.08 5.79
N LYS A 9 -2.84 1.18 6.53
CA LYS A 9 -3.39 2.46 6.11
C LYS A 9 -2.95 2.80 4.69
N TYR A 10 -1.71 2.47 4.36
CA TYR A 10 -1.17 2.75 3.04
C TYR A 10 -1.81 1.85 1.99
N CYS A 11 -2.17 0.63 2.38
CA CYS A 11 -2.80 -0.31 1.48
C CYS A 11 -4.16 0.21 1.00
N GLN A 12 -4.73 1.13 1.77
CA GLN A 12 -6.02 1.71 1.42
C GLN A 12 -5.86 2.89 0.48
N VAL A 13 -4.71 2.96 -0.18
CA VAL A 13 -4.43 4.04 -1.12
C VAL A 13 -4.55 3.56 -2.57
N HYP A 14 -5.29 4.31 -3.39
CA HYP A 14 -5.50 3.99 -4.79
C HYP A 14 -4.19 3.76 -5.54
O HYP A 14 -4.18 3.21 -6.64
CB HYP A 14 -6.22 5.22 -5.35
CG HYP A 14 -6.87 5.85 -4.16
CD HYP A 14 -5.99 5.56 -3.00
OD1 HYP A 14 -8.16 5.28 -3.92
HA HYP A 14 -6.14 3.12 -4.92
HB2 HYP A 14 -5.50 5.89 -5.80
HB3 HYP A 14 -6.96 4.92 -6.08
HG HYP A 14 -6.95 6.92 -4.31
HD22 HYP A 14 -5.28 6.35 -2.80
HD23 HYP A 14 -6.63 5.39 -2.14
HD1 HYP A 14 -8.83 5.84 -4.31
N SER A 15 -3.09 4.18 -4.93
CA SER A 15 -1.77 4.02 -5.54
C SER A 15 -1.10 2.74 -5.06
N CYS A 16 -1.43 2.32 -3.84
CA CYS A 16 -0.86 1.12 -3.26
C CYS A 16 -1.87 -0.03 -3.29
N LYS A 17 -3.07 0.26 -3.79
CA LYS A 17 -4.13 -0.73 -3.87
C LYS A 17 -3.80 -1.79 -4.92
N ARG A 18 -3.14 -1.36 -6.00
CA ARG A 18 -2.77 -2.27 -7.07
C ARG A 18 -1.39 -2.87 -6.83
N ASN A 19 -0.96 -2.86 -5.56
CA ASN A 19 0.34 -3.39 -5.19
C ASN A 19 0.22 -4.86 -4.77
N HYP A 20 1.00 -5.73 -5.44
CA HYP A 20 1.00 -7.17 -5.14
C HYP A 20 1.23 -7.46 -3.66
O HYP A 20 0.87 -8.53 -3.17
CB HYP A 20 2.16 -7.70 -5.99
CG HYP A 20 2.90 -6.48 -6.40
CD HYP A 20 1.93 -5.38 -6.52
OD1 HYP A 20 3.51 -6.67 -7.70
HA HYP A 20 0.07 -7.64 -5.46
HB2 HYP A 20 2.77 -8.36 -5.38
HB3 HYP A 20 1.77 -8.24 -6.84
HG HYP A 20 3.67 -6.26 -5.66
HD22 HYP A 20 2.50 -4.50 -6.27
HD23 HYP A 20 1.40 -5.23 -7.45
HD1 HYP A 20 4.37 -7.08 -7.59
N CYS A 21 1.83 -6.50 -2.96
CA CYS A 21 2.11 -6.66 -1.54
C CYS A 21 0.87 -6.38 -0.71
N CYS A 22 0.01 -5.49 -1.21
CA CYS A 22 -1.22 -5.14 -0.51
C CYS A 22 -2.39 -5.99 -0.99
N ASN A 23 -2.24 -6.57 -2.18
CA ASN A 23 -3.28 -7.42 -2.75
C ASN A 23 -3.18 -8.85 -2.23
N ALA A 1 12.15 6.31 2.03
CA ALA A 1 10.82 6.81 1.73
C ALA A 1 9.75 5.87 2.27
N HYP A 2 8.52 6.39 2.39
CA HYP A 2 7.38 5.61 2.90
C HYP A 2 6.86 4.61 1.86
O HYP A 2 6.28 4.99 0.85
CB HYP A 2 6.31 6.67 3.18
CG HYP A 2 6.65 7.80 2.26
CD HYP A 2 8.13 7.76 2.04
OD1 HYP A 2 6.28 9.05 2.83
HA HYP A 2 7.63 5.09 3.80
HB2 HYP A 2 5.33 6.27 2.98
HB3 HYP A 2 6.38 6.98 4.21
HG HYP A 2 6.15 7.65 1.31
HD22 HYP A 2 8.37 7.98 1.01
HD23 HYP A 2 8.62 8.47 2.70
HD1 HYP A 2 5.46 9.36 2.43
N GLN A 3 7.08 3.33 2.14
CA GLN A 3 6.64 2.27 1.23
C GLN A 3 5.16 1.95 1.45
N CYS A 4 4.62 1.08 0.60
CA CYS A 4 3.22 0.69 0.70
C CYS A 4 3.04 -0.43 1.71
N CYS A 5 4.10 -1.20 1.94
CA CYS A 5 4.06 -2.31 2.89
C CYS A 5 4.48 -1.85 4.29
N ARG A 6 4.33 -0.56 4.55
CA ARG A 6 4.71 0.02 5.84
C ARG A 6 3.57 -0.12 6.84
N SER A 7 2.35 0.03 6.36
CA SER A 7 1.16 -0.07 7.21
C SER A 7 -0.10 -0.31 6.38
N ALA A 8 -1.11 -0.89 7.00
CA ALA A 8 -2.36 -1.18 6.32
C ALA A 8 -2.99 0.10 5.76
N LYS A 9 -2.86 1.19 6.51
CA LYS A 9 -3.41 2.47 6.10
C LYS A 9 -2.97 2.82 4.69
N TYR A 10 -1.72 2.49 4.36
CA TYR A 10 -1.17 2.77 3.04
C TYR A 10 -1.82 1.88 1.98
N CYS A 11 -2.16 0.65 2.38
CA CYS A 11 -2.79 -0.30 1.47
C CYS A 11 -4.15 0.21 1.00
N GLN A 12 -4.72 1.13 1.76
CA GLN A 12 -6.02 1.70 1.43
C GLN A 12 -5.87 2.88 0.48
N VAL A 13 -4.72 2.96 -0.19
CA VAL A 13 -4.45 4.04 -1.13
C VAL A 13 -4.58 3.56 -2.57
N HYP A 14 -5.30 4.33 -3.39
CA HYP A 14 -5.50 4.01 -4.81
C HYP A 14 -4.19 3.78 -5.55
O HYP A 14 -4.18 3.27 -6.67
CB HYP A 14 -6.22 5.24 -5.35
CG HYP A 14 -6.01 6.30 -4.31
CD HYP A 14 -5.96 5.59 -3.00
OD1 HYP A 14 -7.10 7.23 -4.30
HA HYP A 14 -6.13 3.14 -4.92
HB2 HYP A 14 -5.78 5.54 -6.30
HB3 HYP A 14 -7.27 5.03 -5.49
HG HYP A 14 -5.09 6.80 -4.50
HD22 HYP A 14 -5.34 6.16 -2.34
HD23 HYP A 14 -6.93 5.39 -2.55
HD1 HYP A 14 -6.91 7.95 -4.91
N SER A 15 -3.08 4.18 -4.92
CA SER A 15 -1.77 4.03 -5.52
C SER A 15 -1.10 2.74 -5.05
N CYS A 16 -1.44 2.32 -3.83
CA CYS A 16 -0.86 1.11 -3.25
C CYS A 16 -1.88 -0.03 -3.27
N LYS A 17 -3.08 0.26 -3.77
CA LYS A 17 -4.13 -0.74 -3.85
C LYS A 17 -3.81 -1.79 -4.91
N ARG A 18 -3.16 -1.37 -5.98
CA ARG A 18 -2.79 -2.27 -7.06
C ARG A 18 -1.40 -2.87 -6.81
N ASN A 19 -0.97 -2.85 -5.56
CA ASN A 19 0.33 -3.39 -5.19
C ASN A 19 0.22 -4.85 -4.77
N HYP A 20 1.01 -5.72 -5.43
CA HYP A 20 1.02 -7.15 -5.15
C HYP A 20 1.27 -7.46 -3.67
O HYP A 20 0.94 -8.54 -3.18
CB HYP A 20 2.17 -7.68 -6.00
CG HYP A 20 2.94 -6.46 -6.39
CD HYP A 20 1.95 -5.36 -6.50
OD1 HYP A 20 3.54 -6.63 -7.68
HA HYP A 20 0.10 -7.63 -5.46
HB2 HYP A 20 2.78 -8.35 -5.41
HB3 HYP A 20 1.79 -8.20 -6.86
HG HYP A 20 3.70 -6.25 -5.65
HD22 HYP A 20 2.51 -4.47 -6.24
HD23 HYP A 20 1.43 -5.21 -7.44
HD1 HYP A 20 4.45 -6.91 -7.57
N CYS A 21 1.83 -6.48 -2.97
CA CYS A 21 2.12 -6.64 -1.55
C CYS A 21 0.89 -6.36 -0.70
N CYS A 22 0.02 -5.48 -1.21
CA CYS A 22 -1.20 -5.13 -0.50
C CYS A 22 -2.37 -6.00 -0.95
N ASN A 23 -2.24 -6.59 -2.15
CA ASN A 23 -3.27 -7.43 -2.70
C ASN A 23 -3.10 -8.88 -2.24
N ALA A 1 9.13 8.86 0.27
CA ALA A 1 8.09 8.63 1.26
C ALA A 1 8.01 7.16 1.63
N HYP A 2 7.37 6.87 2.78
CA HYP A 2 7.20 5.51 3.27
C HYP A 2 6.67 4.55 2.20
O HYP A 2 5.93 4.97 1.31
CB HYP A 2 6.18 5.66 4.41
CG HYP A 2 6.32 7.07 4.85
CD HYP A 2 6.75 7.86 3.67
OD1 HYP A 2 7.31 7.18 5.89
HA HYP A 2 8.12 5.11 3.67
HB2 HYP A 2 5.19 5.46 4.02
HB3 HYP A 2 6.42 4.96 5.20
HG HYP A 2 5.37 7.42 5.21
HD22 HYP A 2 5.89 8.33 3.20
HD23 HYP A 2 7.46 8.62 3.97
HD1 HYP A 2 6.96 6.85 6.71
N GLN A 3 7.06 3.29 2.29
CA GLN A 3 6.62 2.29 1.32
C GLN A 3 5.15 1.95 1.52
N CYS A 4 4.61 1.14 0.62
CA CYS A 4 3.21 0.74 0.70
C CYS A 4 3.01 -0.40 1.71
N CYS A 5 4.07 -1.15 1.95
CA CYS A 5 4.02 -2.27 2.89
C CYS A 5 4.46 -1.83 4.28
N ARG A 6 4.32 -0.53 4.55
CA ARG A 6 4.70 0.02 5.85
C ARG A 6 3.56 -0.11 6.85
N SER A 7 2.33 0.04 6.37
CA SER A 7 1.16 -0.07 7.23
C SER A 7 -0.10 -0.31 6.39
N ALA A 8 -1.10 -0.91 7.02
CA ALA A 8 -2.36 -1.20 6.34
C ALA A 8 -2.99 0.08 5.78
N LYS A 9 -2.85 1.17 6.53
CA LYS A 9 -3.40 2.45 6.11
C LYS A 9 -2.95 2.80 4.69
N TYR A 10 -1.70 2.46 4.37
CA TYR A 10 -1.14 2.75 3.05
C TYR A 10 -1.79 1.86 1.99
N CYS A 11 -2.16 0.64 2.39
CA CYS A 11 -2.79 -0.31 1.48
C CYS A 11 -4.14 0.21 1.01
N GLN A 12 -4.72 1.13 1.76
CA GLN A 12 -6.01 1.70 1.42
C GLN A 12 -5.85 2.89 0.48
N VAL A 13 -4.70 2.95 -0.19
CA VAL A 13 -4.42 4.04 -1.13
C VAL A 13 -4.55 3.56 -2.57
N HYP A 14 -5.30 4.33 -3.38
CA HYP A 14 -5.51 4.00 -4.80
C HYP A 14 -4.20 3.77 -5.55
O HYP A 14 -4.20 3.23 -6.65
CB HYP A 14 -6.23 5.23 -5.33
CG HYP A 14 -6.87 5.86 -4.14
CD HYP A 14 -5.98 5.56 -2.98
OD1 HYP A 14 -8.16 5.30 -3.90
HA HYP A 14 -6.15 3.13 -4.90
HB2 HYP A 14 -5.51 5.91 -5.79
HB3 HYP A 14 -6.96 4.94 -6.06
HG HYP A 14 -6.94 6.93 -4.29
HD22 HYP A 14 -5.27 6.35 -2.78
HD23 HYP A 14 -6.61 5.40 -2.12
HD1 HYP A 14 -8.14 4.35 -4.05
N SER A 15 -3.10 4.19 -4.94
CA SER A 15 -1.78 4.03 -5.54
C SER A 15 -1.11 2.74 -5.07
N CYS A 16 -1.43 2.33 -3.84
CA CYS A 16 -0.86 1.12 -3.28
C CYS A 16 -1.87 -0.02 -3.30
N LYS A 17 -3.07 0.27 -3.80
CA LYS A 17 -4.13 -0.73 -3.89
C LYS A 17 -3.81 -1.78 -4.93
N ARG A 18 -3.14 -1.35 -6.00
CA ARG A 18 -2.76 -2.27 -7.08
C ARG A 18 -1.38 -2.88 -6.83
N ASN A 19 -0.95 -2.86 -5.57
CA ASN A 19 0.34 -3.41 -5.20
C ASN A 19 0.22 -4.87 -4.77
N HYP A 20 0.99 -5.74 -5.42
CA HYP A 20 0.99 -7.18 -5.14
C HYP A 20 1.22 -7.47 -3.65
O HYP A 20 0.87 -8.53 -3.16
CB HYP A 20 2.15 -7.72 -5.98
CG HYP A 20 2.90 -6.50 -6.39
CD HYP A 20 1.92 -5.40 -6.51
OD1 HYP A 20 3.51 -6.70 -7.68
HA HYP A 20 0.06 -7.64 -5.45
HB2 HYP A 20 2.75 -8.38 -5.38
HB3 HYP A 20 1.75 -8.25 -6.83
HG HYP A 20 3.65 -6.29 -5.65
HD22 HYP A 20 2.50 -4.51 -6.27
HD23 HYP A 20 1.39 -5.26 -7.44
HD1 HYP A 20 4.06 -7.48 -7.66
N CYS A 21 1.82 -6.51 -2.96
CA CYS A 21 2.11 -6.66 -1.54
C CYS A 21 0.87 -6.37 -0.70
N CYS A 22 0.01 -5.49 -1.20
CA CYS A 22 -1.21 -5.13 -0.50
C CYS A 22 -2.38 -5.99 -0.97
N ASN A 23 -2.24 -6.57 -2.16
CA ASN A 23 -3.28 -7.42 -2.73
C ASN A 23 -3.14 -8.86 -2.24
N ALA A 1 10.39 8.34 1.32
CA ALA A 1 8.98 8.21 1.69
C ALA A 1 8.68 6.81 2.19
N HYP A 2 7.54 6.67 2.89
CA HYP A 2 7.11 5.38 3.45
C HYP A 2 6.55 4.44 2.38
O HYP A 2 5.66 4.82 1.62
CB HYP A 2 6.01 5.77 4.44
CG HYP A 2 5.49 7.07 3.93
CD HYP A 2 6.60 7.75 3.20
OD1 HYP A 2 5.07 7.92 5.00
HA HYP A 2 7.91 4.88 3.97
HB2 HYP A 2 5.24 5.01 4.45
HB3 HYP A 2 6.44 5.87 5.43
HG HYP A 2 4.66 6.88 3.26
HD22 HYP A 2 6.23 8.21 2.30
HD23 HYP A 2 7.06 8.49 3.84
HD1 HYP A 2 5.80 8.06 5.61
N GLN A 3 7.09 3.23 2.32
CA GLN A 3 6.64 2.25 1.34
C GLN A 3 5.17 1.91 1.55
N CYS A 4 4.63 1.12 0.62
CA CYS A 4 3.22 0.72 0.69
C CYS A 4 3.03 -0.40 1.70
N CYS A 5 4.10 -1.17 1.95
CA CYS A 5 4.05 -2.27 2.88
C CYS A 5 4.48 -1.83 4.27
N ARG A 6 4.34 -0.54 4.55
CA ARG A 6 4.71 0.02 5.84
C ARG A 6 3.56 -0.12 6.85
N SER A 7 2.35 0.02 6.36
CA SER A 7 1.17 -0.08 7.22
C SER A 7 -0.09 -0.32 6.38
N ALA A 8 -1.11 -0.90 7.01
CA ALA A 8 -2.37 -1.18 6.32
C ALA A 8 -2.99 0.10 5.76
N LYS A 9 -2.87 1.19 6.52
CA LYS A 9 -3.41 2.48 6.09
C LYS A 9 -2.96 2.81 4.67
N TYR A 10 -1.71 2.48 4.35
CA TYR A 10 -1.17 2.75 3.03
C TYR A 10 -1.81 1.85 1.97
N CYS A 11 -2.16 0.63 2.38
CA CYS A 11 -2.79 -0.31 1.47
C CYS A 11 -4.15 0.20 1.00
N GLN A 12 -4.72 1.12 1.76
CA GLN A 12 -6.02 1.69 1.43
C GLN A 12 -5.86 2.87 0.48
N VAL A 13 -4.72 2.95 -0.19
CA VAL A 13 -4.44 4.04 -1.12
C VAL A 13 -4.58 3.56 -2.57
N HYP A 14 -5.29 4.34 -3.38
CA HYP A 14 -5.50 4.02 -4.80
C HYP A 14 -4.20 3.80 -5.55
O HYP A 14 -4.19 3.30 -6.68
CB HYP A 14 -6.23 5.26 -5.33
CG HYP A 14 -6.01 6.31 -4.30
CD HYP A 14 -5.96 5.60 -2.99
OD1 HYP A 14 -7.10 7.23 -4.26
HA HYP A 14 -6.14 3.15 -4.91
HB2 HYP A 14 -5.79 5.56 -6.28
HB3 HYP A 14 -7.27 5.04 -5.47
HG HYP A 14 -5.09 6.83 -4.50
HD22 HYP A 14 -5.32 6.17 -2.33
HD23 HYP A 14 -6.91 5.40 -2.53
HD1 HYP A 14 -6.78 8.12 -4.47
N SER A 15 -3.09 4.18 -4.92
CA SER A 15 -1.77 4.03 -5.52
C SER A 15 -1.10 2.74 -5.05
N CYS A 16 -1.42 2.32 -3.83
CA CYS A 16 -0.85 1.11 -3.26
C CYS A 16 -1.86 -0.03 -3.28
N LYS A 17 -3.07 0.27 -3.77
CA LYS A 17 -4.12 -0.74 -3.85
C LYS A 17 -3.80 -1.79 -4.90
N ARG A 18 -3.15 -1.36 -5.97
CA ARG A 18 -2.78 -2.27 -7.06
C ARG A 18 -1.40 -2.87 -6.82
N ASN A 19 -0.96 -2.86 -5.56
CA ASN A 19 0.33 -3.40 -5.20
C ASN A 19 0.22 -4.87 -4.77
N HYP A 20 0.99 -5.73 -5.43
CA HYP A 20 0.99 -7.17 -5.13
C HYP A 20 1.23 -7.46 -3.66
O HYP A 20 0.87 -8.53 -3.15
CB HYP A 20 2.15 -7.71 -5.98
CG HYP A 20 2.90 -6.49 -6.41
CD HYP A 20 1.91 -5.39 -6.52
OD1 HYP A 20 3.50 -6.69 -7.70
HA HYP A 20 0.06 -7.64 -5.45
HB2 HYP A 20 2.76 -8.36 -5.38
HB3 HYP A 20 1.76 -8.25 -6.83
HG HYP A 20 3.65 -6.26 -5.66
HD22 HYP A 20 2.48 -4.51 -6.27
HD23 HYP A 20 1.38 -5.25 -7.44
HD1 HYP A 20 4.46 -6.75 -7.60
N CYS A 21 1.84 -6.50 -2.97
CA CYS A 21 2.13 -6.65 -1.54
C CYS A 21 0.89 -6.38 -0.70
N CYS A 22 0.03 -5.49 -1.20
CA CYS A 22 -1.20 -5.15 -0.50
C CYS A 22 -2.37 -6.01 -0.96
N ASN A 23 -2.22 -6.59 -2.16
CA ASN A 23 -3.26 -7.44 -2.72
C ASN A 23 -3.09 -8.89 -2.26
#